data_6PDB
#
_entry.id   6PDB
#
_cell.length_a   46.115
_cell.length_b   56.766
_cell.length_c   121.896
_cell.angle_alpha   90.00
_cell.angle_beta   90.00
_cell.angle_gamma   90.00
#
_symmetry.space_group_name_H-M   'P 21 21 21'
#
loop_
_entity.id
_entity.type
_entity.pdbx_description
1 polymer 'Histone acetyltransferase KAT8'
2 non-polymer 'ZINC ION'
3 non-polymer 'SODIUM ION'
4 non-polymer GLYCEROL
5 non-polymer 'SULFATE ION'
6 non-polymer "2-fluoro-3-methyl-N'-(phenylsulfonyl)-5-(pyrimidin-2-yl)benzohydrazide"
7 water water
#
_entity_poly.entity_id   1
_entity_poly.type   'polypeptide(L)'
_entity_poly.pdbx_seq_one_letter_code
;KYVDKIHIGNYEIDAWYFSPFPEDYGKQPKLWLCEYCLKYMKYEKSYRFHLGQCQWRQPPGKEIYRKSNISVHEVDGKDH
KIYCQNLCLLAKLFLDH(ALY)TLYFDVEPFVFYILTEVDRQGAHIVGYFSKEKESPDGNNVSCIMILPPYQRRGYGRFL
IAFSYELSKLESTVGSPEKPLSDLGKLSYRSYWSSVLLENLRDFRGTLSIKDLSQMTSITQNDIISTLQSLNMVKYWKGQ
HVICVTPKLVEEHLKSAQYKKPPITVDSVCLKWAPP
;
_entity_poly.pdbx_strand_id   A
#
# COMPACT_ATOMS: atom_id res chain seq x y z
N LYS A 1 -28.23 4.48 -8.91
CA LYS A 1 -27.87 4.17 -7.53
C LYS A 1 -26.61 3.33 -7.50
N TYR A 2 -25.66 3.73 -6.66
CA TYR A 2 -24.35 3.10 -6.60
C TYR A 2 -24.23 2.22 -5.36
N VAL A 3 -23.23 1.34 -5.39
CA VAL A 3 -22.80 0.66 -4.18
C VAL A 3 -22.34 1.72 -3.18
N ASP A 4 -22.96 1.72 -2.00
CA ASP A 4 -22.60 2.69 -0.96
C ASP A 4 -22.19 2.02 0.34
N LYS A 5 -22.08 0.70 0.34
CA LYS A 5 -21.90 -0.03 1.57
C LYS A 5 -21.54 -1.46 1.23
N ILE A 6 -20.50 -2.00 1.93
CA ILE A 6 -20.08 -3.38 1.70
C ILE A 6 -19.99 -4.09 3.04
N HIS A 7 -20.23 -5.41 3.00
CA HIS A 7 -19.95 -6.30 4.11
C HIS A 7 -18.83 -7.23 3.66
N ILE A 8 -17.70 -7.18 4.37
CA ILE A 8 -16.56 -8.04 4.06
C ILE A 8 -16.01 -8.56 5.36
N GLY A 9 -15.77 -9.87 5.43
CA GLY A 9 -15.36 -10.48 6.68
C GLY A 9 -16.38 -10.20 7.76
N ASN A 10 -15.94 -9.54 8.83
CA ASN A 10 -16.84 -9.12 9.91
C ASN A 10 -17.07 -7.62 9.91
N TYR A 11 -16.71 -6.93 8.85
CA TYR A 11 -16.84 -5.49 8.76
C TYR A 11 -17.96 -5.09 7.82
N GLU A 12 -18.71 -4.07 8.21
CA GLU A 12 -19.48 -3.26 7.29
C GLU A 12 -18.71 -1.97 7.06
N ILE A 13 -18.56 -1.57 5.80
CA ILE A 13 -17.81 -0.37 5.46
C ILE A 13 -18.63 0.48 4.50
N ASP A 14 -18.79 1.76 4.84
CA ASP A 14 -19.41 2.73 3.96
C ASP A 14 -18.48 3.06 2.80
N ALA A 15 -19.05 3.20 1.61
CA ALA A 15 -18.26 3.60 0.46
C ALA A 15 -17.87 5.07 0.54
N TRP A 16 -16.78 5.41 -0.13
CA TRP A 16 -16.34 6.80 -0.26
C TRP A 16 -16.53 7.36 -1.65
N TYR A 17 -16.51 6.50 -2.67
CA TYR A 17 -16.51 6.94 -4.06
C TYR A 17 -17.29 5.95 -4.91
N PHE A 18 -17.66 6.38 -6.09
CA PHE A 18 -18.30 5.50 -7.05
C PHE A 18 -17.32 4.40 -7.49
N SER A 19 -17.79 3.16 -7.55
CA SER A 19 -17.01 2.07 -8.11
C SER A 19 -17.84 1.34 -9.13
N PRO A 20 -17.32 1.07 -10.33
CA PRO A 20 -18.16 0.57 -11.42
C PRO A 20 -18.51 -0.91 -11.33
N PHE A 21 -19.03 -1.36 -10.18
CA PHE A 21 -19.68 -2.67 -10.16
C PHE A 21 -20.82 -2.65 -11.16
N PRO A 22 -21.17 -3.81 -11.73
CA PRO A 22 -22.30 -3.85 -12.67
C PRO A 22 -23.56 -3.24 -12.07
N GLU A 23 -24.44 -2.77 -12.97
CA GLU A 23 -25.57 -1.94 -12.57
C GLU A 23 -26.50 -2.65 -11.59
N ASP A 24 -26.70 -3.96 -11.74
CA ASP A 24 -27.58 -4.67 -10.82
C ASP A 24 -26.98 -4.84 -9.43
N TYR A 25 -25.65 -4.89 -9.35
CA TYR A 25 -25.01 -4.98 -8.03
C TYR A 25 -25.13 -3.66 -7.28
N GLY A 26 -24.93 -2.55 -8.00
CA GLY A 26 -25.05 -1.24 -7.37
C GLY A 26 -26.40 -1.02 -6.73
N LYS A 27 -27.47 -1.44 -7.41
CA LYS A 27 -28.83 -1.16 -6.94
C LYS A 27 -29.09 -1.75 -5.56
N GLN A 28 -28.35 -2.78 -5.16
CA GLN A 28 -28.59 -3.40 -3.87
C GLN A 28 -28.29 -2.43 -2.73
N PRO A 29 -28.97 -2.59 -1.58
CA PRO A 29 -28.63 -1.74 -0.43
C PRO A 29 -27.21 -1.97 0.06
N LYS A 30 -26.72 -3.20 -0.07
CA LYS A 30 -25.39 -3.56 0.41
C LYS A 30 -24.79 -4.61 -0.50
N LEU A 31 -23.47 -4.56 -0.64
CA LEU A 31 -22.73 -5.58 -1.38
C LEU A 31 -21.94 -6.45 -0.41
N TRP A 32 -21.98 -7.75 -0.63
CA TRP A 32 -21.37 -8.73 0.24
C TRP A 32 -20.16 -9.33 -0.46
N LEU A 33 -19.00 -9.24 0.19
CA LEU A 33 -17.75 -9.69 -0.41
C LEU A 33 -17.12 -10.80 0.41
N CYS A 34 -16.72 -11.87 -0.28
CA CYS A 34 -15.89 -12.90 0.34
C CYS A 34 -14.52 -12.31 0.63
N GLU A 35 -14.09 -12.38 1.89
CA GLU A 35 -12.83 -11.75 2.24
C GLU A 35 -11.62 -12.49 1.71
N TYR A 36 -11.80 -13.70 1.17
CA TYR A 36 -10.68 -14.52 0.69
C TYR A 36 -10.55 -14.51 -0.83
N CYS A 37 -11.63 -14.80 -1.56
CA CYS A 37 -11.57 -14.78 -3.02
C CYS A 37 -12.08 -13.48 -3.62
N LEU A 38 -12.65 -12.59 -2.81
CA LEU A 38 -13.13 -11.26 -3.20
C LEU A 38 -14.32 -11.31 -4.14
N LYS A 39 -14.99 -12.45 -4.27
CA LYS A 39 -16.27 -12.52 -4.97
C LYS A 39 -17.28 -11.61 -4.30
N TYR A 40 -17.95 -10.78 -5.11
CA TYR A 40 -18.97 -9.87 -4.60
C TYR A 40 -20.37 -10.39 -4.94
N MET A 41 -21.30 -10.20 -4.00
CA MET A 41 -22.60 -10.85 -4.08
C MET A 41 -23.70 -9.87 -3.69
N LYS A 42 -24.91 -10.15 -4.17
CA LYS A 42 -26.04 -9.24 -4.01
C LYS A 42 -26.81 -9.45 -2.72
N TYR A 43 -26.83 -10.66 -2.18
CA TYR A 43 -27.71 -10.98 -1.07
C TYR A 43 -26.93 -11.66 0.06
N GLU A 44 -27.46 -11.50 1.27
CA GLU A 44 -26.88 -12.19 2.42
C GLU A 44 -26.95 -13.71 2.24
N LYS A 45 -28.01 -14.20 1.61
CA LYS A 45 -28.16 -15.65 1.47
C LYS A 45 -27.13 -16.23 0.52
N SER A 46 -26.90 -15.59 -0.63
CA SER A 46 -25.82 -16.03 -1.49
C SER A 46 -24.49 -15.87 -0.80
N TYR A 47 -24.36 -14.84 0.06
CA TYR A 47 -23.13 -14.67 0.82
C TYR A 47 -22.93 -15.80 1.82
N ARG A 48 -23.98 -16.14 2.56
CA ARG A 48 -23.86 -17.21 3.56
C ARG A 48 -23.55 -18.54 2.89
N PHE A 49 -24.16 -18.79 1.73
CA PHE A 49 -23.91 -20.05 1.04
C PHE A 49 -22.47 -20.13 0.59
N HIS A 50 -21.93 -19.03 0.05
CA HIS A 50 -20.55 -19.03 -0.42
C HIS A 50 -19.59 -19.26 0.73
N LEU A 51 -19.85 -18.65 1.89
CA LEU A 51 -18.95 -18.82 3.01
C LEU A 51 -18.86 -20.28 3.45
N GLY A 52 -19.98 -21.00 3.38
CA GLY A 52 -19.96 -22.43 3.63
C GLY A 52 -19.22 -23.21 2.56
N GLN A 53 -19.13 -22.65 1.35
CA GLN A 53 -18.54 -23.34 0.21
C GLN A 53 -17.08 -22.97 -0.04
N CYS A 54 -16.72 -21.68 0.08
CA CYS A 54 -15.41 -21.22 -0.34
C CYS A 54 -14.30 -21.97 0.38
N GLN A 55 -13.35 -22.49 -0.38
CA GLN A 55 -12.22 -23.20 0.19
C GLN A 55 -11.00 -22.30 0.40
N TRP A 56 -10.95 -21.15 -0.27
CA TRP A 56 -9.88 -20.19 -0.03
C TRP A 56 -9.88 -19.75 1.43
N ARG A 57 -8.70 -19.71 2.02
CA ARG A 57 -8.53 -19.10 3.34
C ARG A 57 -7.41 -18.07 3.33
N GLN A 58 -7.03 -17.57 2.14
CA GLN A 58 -5.93 -16.62 1.95
C GLN A 58 -5.91 -16.17 0.49
N PRO A 59 -5.17 -15.12 0.15
CA PRO A 59 -5.14 -14.67 -1.26
C PRO A 59 -4.49 -15.70 -2.16
N PRO A 60 -4.64 -15.57 -3.47
CA PRO A 60 -3.88 -16.43 -4.39
C PRO A 60 -2.43 -15.98 -4.48
N GLY A 61 -1.73 -16.43 -5.51
CA GLY A 61 -0.35 -16.02 -5.70
C GLY A 61 0.56 -16.60 -4.64
N LYS A 62 1.79 -16.12 -4.64
CA LYS A 62 2.83 -16.59 -3.73
C LYS A 62 2.92 -15.71 -2.49
N GLU A 63 3.13 -16.34 -1.35
CA GLU A 63 3.40 -15.64 -0.10
C GLU A 63 4.86 -15.22 -0.06
N ILE A 64 5.15 -13.99 -0.48
CA ILE A 64 6.53 -13.51 -0.55
C ILE A 64 7.01 -12.87 0.74
N TYR A 65 6.13 -12.73 1.74
CA TYR A 65 6.56 -12.21 3.03
C TYR A 65 5.68 -12.81 4.12
N ARG A 66 6.32 -13.22 5.21
CA ARG A 66 5.60 -13.72 6.39
C ARG A 66 6.50 -13.54 7.59
N LYS A 67 6.13 -12.64 8.50
CA LYS A 67 6.77 -12.53 9.81
C LYS A 67 5.66 -12.50 10.85
N SER A 68 5.62 -13.52 11.70
CA SER A 68 4.53 -13.70 12.67
C SER A 68 3.24 -13.80 11.89
N ASN A 69 2.20 -13.04 12.21
CA ASN A 69 0.91 -13.15 11.53
C ASN A 69 0.70 -12.06 10.48
N ILE A 70 1.77 -11.39 10.05
CA ILE A 70 1.71 -10.43 8.96
C ILE A 70 2.20 -11.11 7.71
N SER A 71 1.41 -11.03 6.65
CA SER A 71 1.70 -11.75 5.41
C SER A 71 1.43 -10.85 4.20
N VAL A 72 2.27 -11.00 3.18
CA VAL A 72 2.08 -10.32 1.90
C VAL A 72 2.10 -11.37 0.80
N HIS A 73 1.11 -11.33 -0.08
CA HIS A 73 1.01 -12.22 -1.21
C HIS A 73 1.23 -11.43 -2.49
N GLU A 74 2.01 -11.99 -3.40
CA GLU A 74 2.24 -11.43 -4.73
C GLU A 74 1.30 -12.12 -5.71
N VAL A 75 0.49 -11.35 -6.42
CA VAL A 75 -0.52 -11.88 -7.32
C VAL A 75 -0.34 -11.20 -8.66
N ASP A 76 -0.03 -12.00 -9.69
CA ASP A 76 0.14 -11.48 -11.04
C ASP A 76 -1.23 -11.22 -11.65
N GLY A 77 -1.41 -10.05 -12.24
CA GLY A 77 -2.70 -9.71 -12.82
C GLY A 77 -3.13 -10.65 -13.93
N LYS A 78 -2.17 -11.19 -14.69
CA LYS A 78 -2.50 -12.07 -15.80
C LYS A 78 -2.79 -13.50 -15.34
N ASP A 79 -2.21 -13.91 -14.20
CA ASP A 79 -2.44 -15.25 -13.68
C ASP A 79 -3.69 -15.37 -12.81
N HIS A 80 -4.21 -14.26 -12.30
CA HIS A 80 -5.39 -14.28 -11.45
C HIS A 80 -6.25 -13.07 -11.80
N LYS A 81 -6.85 -13.10 -13.00
CA LYS A 81 -7.49 -11.91 -13.55
C LYS A 81 -8.74 -11.53 -12.75
N ILE A 82 -9.65 -12.49 -12.55
CA ILE A 82 -10.91 -12.18 -11.85
C ILE A 82 -10.63 -11.65 -10.45
N TYR A 83 -9.78 -12.35 -9.70
CA TYR A 83 -9.46 -11.92 -8.35
C TYR A 83 -8.95 -10.48 -8.34
N CYS A 84 -8.05 -10.14 -9.27
CA CYS A 84 -7.45 -8.82 -9.29
C CYS A 84 -8.44 -7.74 -9.72
N GLN A 85 -9.38 -8.09 -10.60
CA GLN A 85 -10.43 -7.14 -10.94
C GLN A 85 -11.33 -6.88 -9.75
N ASN A 86 -11.69 -7.95 -9.02
CA ASN A 86 -12.50 -7.78 -7.82
C ASN A 86 -11.81 -6.86 -6.83
N LEU A 87 -10.52 -7.10 -6.60
CA LEU A 87 -9.71 -6.22 -5.76
C LEU A 87 -9.79 -4.77 -6.21
N CYS A 88 -9.69 -4.54 -7.53
CA CYS A 88 -9.71 -3.17 -8.02
C CYS A 88 -11.06 -2.51 -7.81
N LEU A 89 -12.14 -3.25 -8.04
CA LEU A 89 -13.49 -2.72 -7.78
C LEU A 89 -13.67 -2.41 -6.29
N LEU A 90 -13.14 -3.28 -5.43
CA LEU A 90 -13.16 -3.00 -4.00
C LEU A 90 -12.38 -1.75 -3.67
N ALA A 91 -11.19 -1.60 -4.25
CA ALA A 91 -10.34 -0.46 -3.92
C ALA A 91 -10.91 0.84 -4.44
N LYS A 92 -11.61 0.81 -5.58
CA LYS A 92 -12.13 2.03 -6.17
C LYS A 92 -13.20 2.67 -5.28
N LEU A 93 -13.84 1.87 -4.44
CA LEU A 93 -14.76 2.42 -3.44
C LEU A 93 -14.07 3.38 -2.48
N PHE A 94 -12.75 3.28 -2.33
CA PHE A 94 -12.00 4.13 -1.40
C PHE A 94 -10.91 4.93 -2.08
N LEU A 95 -10.80 4.86 -3.40
CA LEU A 95 -9.83 5.62 -4.17
C LEU A 95 -10.57 6.50 -5.17
N ASP A 96 -10.32 7.80 -5.10
CA ASP A 96 -10.98 8.70 -6.04
C ASP A 96 -10.28 8.66 -7.40
N HIS A 97 -8.97 8.53 -7.41
CA HIS A 97 -8.17 8.75 -8.62
C HIS A 97 -7.86 7.46 -9.39
N THR A 99 -8.25 4.51 -11.79
CA THR A 99 -8.95 4.58 -13.08
C THR A 99 -9.13 3.22 -13.72
N LEU A 100 -8.39 2.24 -13.26
CA LEU A 100 -8.22 0.99 -13.97
C LEU A 100 -8.64 -0.18 -13.08
N TYR A 101 -9.60 -0.97 -13.57
CA TYR A 101 -10.24 -2.02 -12.77
C TYR A 101 -10.25 -3.38 -13.46
N PHE A 102 -10.43 -3.36 -14.78
CA PHE A 102 -10.57 -4.59 -15.56
C PHE A 102 -9.36 -4.88 -16.43
N ASP A 103 -8.47 -3.91 -16.63
CA ASP A 103 -7.26 -4.12 -17.43
C ASP A 103 -6.10 -4.41 -16.48
N VAL A 104 -6.14 -5.60 -15.87
CA VAL A 104 -5.26 -5.91 -14.74
C VAL A 104 -4.00 -6.65 -15.14
N GLU A 105 -3.90 -7.15 -16.38
CA GLU A 105 -2.70 -7.87 -16.80
C GLU A 105 -1.40 -7.08 -16.65
N PRO A 106 -1.32 -5.78 -16.87
CA PRO A 106 -0.03 -5.09 -16.74
C PRO A 106 0.45 -4.92 -15.30
N PHE A 107 -0.30 -5.42 -14.31
CA PHE A 107 -0.01 -5.11 -12.92
C PHE A 107 0.29 -6.36 -12.11
N VAL A 108 1.05 -6.16 -11.05
CA VAL A 108 1.22 -7.15 -10.00
C VAL A 108 0.66 -6.54 -8.72
N PHE A 109 0.02 -7.37 -7.90
CA PHE A 109 -0.71 -6.90 -6.72
C PHE A 109 -0.11 -7.52 -5.47
N TYR A 110 0.14 -6.69 -4.47
CA TYR A 110 0.74 -7.12 -3.22
C TYR A 110 -0.30 -6.98 -2.12
N ILE A 111 -0.81 -8.12 -1.65
CA ILE A 111 -1.96 -8.17 -0.76
C ILE A 111 -1.47 -8.33 0.66
N LEU A 112 -1.84 -7.41 1.53
CA LEU A 112 -1.45 -7.45 2.93
C LEU A 112 -2.55 -8.11 3.75
N THR A 113 -2.18 -9.12 4.54
CA THR A 113 -3.15 -9.85 5.36
C THR A 113 -2.65 -10.00 6.79
N GLU A 114 -3.62 -10.07 7.70
CA GLU A 114 -3.42 -10.33 9.11
C GLU A 114 -4.01 -11.72 9.38
N VAL A 115 -3.21 -12.62 9.92
CA VAL A 115 -3.56 -14.03 9.99
C VAL A 115 -4.00 -14.39 11.40
N ASP A 116 -5.09 -15.16 11.51
CA ASP A 116 -5.42 -15.86 12.74
C ASP A 116 -5.69 -17.32 12.40
N ARG A 117 -6.33 -18.06 13.32
CA ARG A 117 -6.58 -19.48 13.09
C ARG A 117 -7.52 -19.71 11.91
N GLN A 118 -8.43 -18.78 11.66
CA GLN A 118 -9.42 -18.98 10.60
C GLN A 118 -8.83 -18.77 9.22
N GLY A 119 -7.92 -17.82 9.07
CA GLY A 119 -7.32 -17.59 7.78
C GLY A 119 -6.62 -16.25 7.73
N ALA A 120 -6.25 -15.86 6.52
CA ALA A 120 -5.47 -14.66 6.26
C ALA A 120 -6.42 -13.55 5.82
N HIS A 121 -6.61 -12.55 6.68
CA HIS A 121 -7.66 -11.56 6.50
C HIS A 121 -7.10 -10.33 5.80
N ILE A 122 -7.72 -9.94 4.70
CA ILE A 122 -7.18 -8.87 3.86
C ILE A 122 -7.25 -7.55 4.61
N VAL A 123 -6.16 -6.78 4.56
CA VAL A 123 -6.05 -5.49 5.20
C VAL A 123 -5.99 -4.36 4.18
N GLY A 124 -5.23 -4.59 3.11
CA GLY A 124 -5.04 -3.60 2.07
C GLY A 124 -4.12 -4.18 1.03
N TYR A 125 -3.71 -3.33 0.10
CA TYR A 125 -2.87 -3.81 -0.98
C TYR A 125 -2.19 -2.62 -1.63
N PHE A 126 -1.16 -2.91 -2.43
CA PHE A 126 -0.72 -1.97 -3.44
C PHE A 126 -0.49 -2.71 -4.75
N SER A 127 -0.75 -1.99 -5.84
CA SER A 127 -0.50 -2.47 -7.19
C SER A 127 0.76 -1.80 -7.71
N LYS A 128 1.34 -2.41 -8.74
CA LYS A 128 2.61 -1.98 -9.29
C LYS A 128 2.64 -2.36 -10.75
N GLU A 129 3.10 -1.45 -11.61
CA GLU A 129 3.24 -1.77 -13.02
C GLU A 129 4.42 -2.70 -13.24
N LYS A 130 4.19 -3.79 -13.99
CA LYS A 130 5.26 -4.72 -14.30
C LYS A 130 6.44 -4.00 -14.93
N GLU A 131 6.15 -3.09 -15.86
CA GLU A 131 7.16 -2.25 -16.51
C GLU A 131 6.71 -0.80 -16.40
N SER A 132 7.28 -0.04 -15.45
CA SER A 132 6.85 1.33 -15.24
C SER A 132 7.76 2.28 -16.00
N PRO A 133 7.29 2.92 -17.08
CA PRO A 133 8.17 3.88 -17.77
C PRO A 133 8.58 5.05 -16.89
N ASP A 134 7.63 5.60 -16.12
CA ASP A 134 7.86 6.77 -15.28
C ASP A 134 8.56 6.44 -13.98
N GLY A 135 8.99 5.19 -13.78
CA GLY A 135 9.67 4.83 -12.57
C GLY A 135 8.81 4.93 -11.32
N ASN A 136 7.59 4.42 -11.39
CA ASN A 136 6.70 4.37 -10.23
C ASN A 136 6.77 2.99 -9.60
N ASN A 137 7.21 2.93 -8.33
CA ASN A 137 7.25 1.67 -7.62
C ASN A 137 5.92 1.34 -6.94
N VAL A 138 4.93 2.25 -7.02
CA VAL A 138 3.56 2.00 -6.59
C VAL A 138 2.62 2.67 -7.57
N SER A 139 1.61 1.93 -8.03
CA SER A 139 0.55 2.50 -8.83
C SER A 139 -0.60 2.99 -7.95
N CYS A 140 -1.22 2.09 -7.21
CA CYS A 140 -2.26 2.44 -6.25
C CYS A 140 -1.97 1.72 -4.94
N ILE A 141 -2.22 2.41 -3.82
CA ILE A 141 -2.08 1.83 -2.49
C ILE A 141 -3.35 2.15 -1.70
N MET A 142 -3.90 1.15 -1.04
CA MET A 142 -5.21 1.29 -0.41
C MET A 142 -5.23 0.43 0.84
N ILE A 143 -5.55 1.05 1.97
CA ILE A 143 -5.81 0.35 3.22
C ILE A 143 -7.30 0.47 3.51
N LEU A 144 -7.95 -0.65 3.80
CA LEU A 144 -9.37 -0.61 4.12
C LEU A 144 -9.59 0.28 5.35
N PRO A 145 -10.67 1.07 5.37
CA PRO A 145 -10.85 2.09 6.42
C PRO A 145 -10.64 1.55 7.83
N PRO A 146 -11.24 0.43 8.23
CA PRO A 146 -11.05 -0.03 9.62
C PRO A 146 -9.60 -0.34 10.00
N TYR A 147 -8.68 -0.43 9.04
CA TYR A 147 -7.28 -0.69 9.32
C TYR A 147 -6.42 0.56 9.13
N GLN A 148 -7.00 1.69 8.77
CA GLN A 148 -6.23 2.87 8.43
C GLN A 148 -5.65 3.52 9.69
N ARG A 149 -4.54 4.24 9.49
CA ARG A 149 -3.85 4.96 10.56
C ARG A 149 -3.51 4.04 11.72
N ARG A 150 -3.08 2.81 11.41
CA ARG A 150 -2.65 1.87 12.44
C ARG A 150 -1.35 1.16 12.11
N GLY A 151 -0.56 1.67 11.16
CA GLY A 151 0.72 1.10 10.82
C GLY A 151 0.78 0.30 9.55
N TYR A 152 -0.37 -0.14 9.02
CA TYR A 152 -0.35 -1.02 7.85
C TYR A 152 0.04 -0.27 6.59
N GLY A 153 -0.45 0.96 6.42
CA GLY A 153 -0.06 1.75 5.26
C GLY A 153 1.42 2.05 5.23
N ARG A 154 1.99 2.40 6.39
CA ARG A 154 3.44 2.60 6.46
C ARG A 154 4.18 1.32 6.12
N PHE A 155 3.70 0.19 6.63
CA PHE A 155 4.32 -1.09 6.30
C PHE A 155 4.36 -1.29 4.80
N LEU A 156 3.24 -1.02 4.12
CA LEU A 156 3.18 -1.24 2.69
C LEU A 156 4.08 -0.27 1.95
N ILE A 157 4.19 0.97 2.43
CA ILE A 157 5.12 1.92 1.84
C ILE A 157 6.54 1.39 1.97
N ALA A 158 6.91 0.94 3.16
CA ALA A 158 8.25 0.39 3.37
C ALA A 158 8.47 -0.83 2.49
N PHE A 159 7.44 -1.65 2.35
CA PHE A 159 7.55 -2.85 1.54
C PHE A 159 7.78 -2.50 0.07
N SER A 160 7.10 -1.46 -0.43
CA SER A 160 7.29 -1.09 -1.83
C SER A 160 8.72 -0.68 -2.09
N TYR A 161 9.36 -0.08 -1.10
CA TYR A 161 10.72 0.39 -1.27
C TYR A 161 11.75 -0.72 -1.06
N GLU A 162 11.44 -1.69 -0.19
CA GLU A 162 12.29 -2.87 -0.09
C GLU A 162 12.35 -3.60 -1.43
N LEU A 163 11.22 -3.68 -2.13
CA LEU A 163 11.22 -4.22 -3.48
C LEU A 163 12.08 -3.37 -4.41
N SER A 164 11.94 -2.04 -4.31
CA SER A 164 12.73 -1.15 -5.15
C SER A 164 14.22 -1.30 -4.87
N LYS A 165 14.59 -1.56 -3.62
CA LYS A 165 15.98 -1.84 -3.30
C LYS A 165 16.45 -3.10 -4.00
N LEU A 166 15.66 -4.17 -3.93
CA LEU A 166 16.07 -5.45 -4.50
C LEU A 166 16.18 -5.40 -6.02
N GLU A 167 15.56 -4.40 -6.66
CA GLU A 167 15.67 -4.20 -8.09
C GLU A 167 16.77 -3.22 -8.46
N SER A 168 17.48 -2.67 -7.46
CA SER A 168 18.57 -1.73 -7.68
C SER A 168 18.09 -0.46 -8.39
N THR A 169 16.96 0.07 -7.93
CA THR A 169 16.36 1.22 -8.57
C THR A 169 15.63 2.07 -7.54
N VAL A 170 15.36 3.32 -7.91
CA VAL A 170 14.55 4.20 -7.10
C VAL A 170 13.14 4.21 -7.67
N GLY A 171 12.17 4.55 -6.84
CA GLY A 171 10.79 4.62 -7.26
C GLY A 171 10.02 5.64 -6.45
N SER A 172 8.85 5.99 -6.97
CA SER A 172 7.96 6.97 -6.36
C SER A 172 6.52 6.54 -6.60
N PRO A 173 5.63 6.82 -5.66
CA PRO A 173 4.22 6.52 -5.90
C PRO A 173 3.69 7.32 -7.09
N GLU A 174 2.89 6.67 -7.92
CA GLU A 174 2.18 7.37 -8.97
C GLU A 174 1.24 8.41 -8.36
N LYS A 175 1.20 9.60 -8.96
CA LYS A 175 0.38 10.72 -8.51
C LYS A 175 -0.95 10.76 -9.25
N PRO A 176 -1.96 11.46 -8.71
CA PRO A 176 -1.98 12.14 -7.40
C PRO A 176 -2.22 11.18 -6.25
N LEU A 177 -1.65 11.50 -5.09
CA LEU A 177 -1.88 10.73 -3.89
C LEU A 177 -3.13 11.23 -3.17
N SER A 178 -3.83 10.30 -2.54
CA SER A 178 -4.97 10.69 -1.71
C SER A 178 -4.49 11.54 -0.55
N ASP A 179 -5.44 12.24 0.07
CA ASP A 179 -5.12 13.11 1.19
C ASP A 179 -4.40 12.34 2.29
N LEU A 180 -4.95 11.19 2.68
CA LEU A 180 -4.28 10.32 3.64
C LEU A 180 -2.96 9.81 3.08
N GLY A 181 -2.92 9.55 1.77
CA GLY A 181 -1.70 9.06 1.15
C GLY A 181 -0.56 10.05 1.23
N LYS A 182 -0.84 11.32 0.91
CA LYS A 182 0.18 12.36 1.01
C LYS A 182 0.81 12.40 2.39
N LEU A 183 -0.01 12.39 3.44
CA LEU A 183 0.52 12.49 4.79
C LEU A 183 1.31 11.24 5.18
N SER A 184 0.85 10.07 4.75
CA SER A 184 1.57 8.83 5.05
C SER A 184 2.93 8.82 4.37
N TYR A 185 2.99 9.22 3.10
CA TYR A 185 4.27 9.18 2.41
C TYR A 185 5.24 10.19 2.98
N ARG A 186 4.77 11.41 3.25
CA ARG A 186 5.63 12.42 3.86
C ARG A 186 6.12 11.96 5.23
N SER A 187 5.23 11.35 6.01
CA SER A 187 5.62 10.85 7.33
C SER A 187 6.67 9.75 7.21
N TYR A 188 6.48 8.83 6.26
CA TYR A 188 7.44 7.73 6.09
C TYR A 188 8.77 8.25 5.57
N TRP A 189 8.74 9.18 4.61
CA TRP A 189 9.97 9.74 4.06
C TRP A 189 10.79 10.40 5.16
N SER A 190 10.14 11.26 5.96
CA SER A 190 10.81 11.92 7.06
C SER A 190 11.46 10.90 7.99
N SER A 191 10.68 9.90 8.43
CA SER A 191 11.18 8.91 9.37
C SER A 191 12.41 8.20 8.83
N VAL A 192 12.33 7.73 7.58
CA VAL A 192 13.45 7.01 6.98
C VAL A 192 14.66 7.95 6.85
N LEU A 193 14.44 9.18 6.40
CA LEU A 193 15.56 10.09 6.19
C LEU A 193 16.16 10.54 7.53
N LEU A 194 15.30 10.96 8.47
CA LEU A 194 15.80 11.39 9.78
C LEU A 194 16.59 10.28 10.47
N GLU A 195 16.12 9.03 10.35
CA GLU A 195 16.82 7.93 10.99
C GLU A 195 18.18 7.68 10.34
N ASN A 196 18.30 7.92 9.03
CA ASN A 196 19.59 7.74 8.39
C ASN A 196 20.54 8.89 8.74
N LEU A 197 20.01 10.09 8.95
CA LEU A 197 20.84 11.23 9.31
C LEU A 197 21.31 11.18 10.75
N ARG A 198 20.61 10.44 11.62
CA ARG A 198 21.05 10.30 13.00
C ARG A 198 22.17 9.26 13.10
N ASP A 199 22.02 8.14 12.41
CA ASP A 199 23.03 7.08 12.43
C ASP A 199 24.28 7.48 11.66
N LEU A 204 26.80 12.08 4.19
CA LEU A 204 25.63 11.64 3.43
C LEU A 204 25.12 12.75 2.50
N SER A 205 25.30 12.55 1.20
CA SER A 205 24.75 13.47 0.22
C SER A 205 23.27 13.20 0.03
N ILE A 206 22.65 13.93 -0.90
CA ILE A 206 21.28 13.58 -1.28
C ILE A 206 21.28 12.35 -2.18
N LYS A 207 22.29 12.25 -3.07
CA LYS A 207 22.41 11.05 -3.89
C LYS A 207 22.71 9.81 -3.05
N ASP A 208 23.33 9.99 -1.89
CA ASP A 208 23.57 8.85 -1.01
C ASP A 208 22.28 8.40 -0.34
N LEU A 209 21.53 9.35 0.22
CA LEU A 209 20.24 9.03 0.81
C LEU A 209 19.32 8.36 -0.20
N SER A 210 19.44 8.74 -1.47
CA SER A 210 18.62 8.14 -2.52
C SER A 210 18.98 6.66 -2.71
N GLN A 211 20.28 6.36 -2.74
CA GLN A 211 20.71 4.99 -3.02
C GLN A 211 20.53 4.07 -1.81
N MET A 212 20.62 4.62 -0.59
CA MET A 212 20.41 3.81 0.59
C MET A 212 18.93 3.46 0.81
N THR A 213 18.01 4.26 0.28
CA THR A 213 16.60 4.14 0.58
C THR A 213 15.72 3.80 -0.62
N SER A 214 16.21 3.99 -1.84
CA SER A 214 15.46 3.92 -3.10
C SER A 214 14.43 5.04 -3.23
N ILE A 215 14.41 6.01 -2.33
CA ILE A 215 13.60 7.20 -2.52
C ILE A 215 14.23 8.07 -3.61
N THR A 216 13.40 8.62 -4.48
CA THR A 216 13.92 9.51 -5.51
C THR A 216 14.47 10.78 -4.88
N GLN A 217 15.41 11.42 -5.58
CA GLN A 217 16.02 12.63 -5.05
C GLN A 217 15.00 13.75 -4.91
N ASN A 218 14.05 13.84 -5.84
CA ASN A 218 12.96 14.81 -5.70
C ASN A 218 12.21 14.60 -4.40
N ASP A 219 11.82 13.35 -4.12
CA ASP A 219 11.09 13.06 -2.88
C ASP A 219 11.95 13.36 -1.66
N ILE A 220 13.25 13.07 -1.74
CA ILE A 220 14.16 13.42 -0.65
C ILE A 220 14.21 14.92 -0.48
N ILE A 221 14.48 15.64 -1.57
CA ILE A 221 14.63 17.10 -1.49
C ILE A 221 13.38 17.73 -0.89
N SER A 222 12.20 17.38 -1.41
CA SER A 222 10.97 18.01 -0.94
C SER A 222 10.72 17.70 0.53
N THR A 223 11.08 16.50 0.97
CA THR A 223 10.90 16.16 2.38
C THR A 223 11.84 16.98 3.27
N LEU A 224 13.09 17.17 2.83
CA LEU A 224 14.02 17.99 3.59
C LEU A 224 13.58 19.45 3.62
N GLN A 225 13.01 19.95 2.53
CA GLN A 225 12.49 21.32 2.51
C GLN A 225 11.40 21.51 3.55
N SER A 226 10.47 20.56 3.64
CA SER A 226 9.42 20.63 4.64
C SER A 226 9.98 20.49 6.06
N LEU A 227 11.17 19.92 6.20
CA LEU A 227 11.87 19.89 7.47
C LEU A 227 12.84 21.06 7.65
N ASN A 228 13.00 21.89 6.60
CA ASN A 228 13.94 23.01 6.62
C ASN A 228 15.36 22.52 6.90
N MET A 229 15.79 21.50 6.16
CA MET A 229 17.10 20.88 6.37
C MET A 229 17.96 20.89 5.12
N VAL A 230 17.62 21.70 4.12
CA VAL A 230 18.38 21.76 2.88
C VAL A 230 18.74 23.22 2.59
N LYS A 231 19.98 23.43 2.17
CA LYS A 231 20.47 24.70 1.68
C LYS A 231 20.54 24.65 0.16
N TYR A 232 20.46 25.82 -0.47
CA TYR A 232 20.61 25.97 -1.91
C TYR A 232 21.89 26.75 -2.20
N TRP A 233 22.72 26.24 -3.10
CA TRP A 233 23.97 26.91 -3.44
C TRP A 233 24.21 26.79 -4.94
N LYS A 234 24.10 27.92 -5.65
CA LYS A 234 24.33 28.00 -7.09
C LYS A 234 23.66 26.84 -7.84
N GLY A 235 22.37 26.69 -7.59
CA GLY A 235 21.52 25.80 -8.35
C GLY A 235 21.38 24.40 -7.80
N GLN A 236 22.09 24.06 -6.74
CA GLN A 236 22.11 22.69 -6.22
C GLN A 236 21.57 22.65 -4.79
N HIS A 237 20.63 21.73 -4.55
CA HIS A 237 20.20 21.46 -3.18
C HIS A 237 21.29 20.72 -2.43
N VAL A 238 21.49 21.10 -1.16
CA VAL A 238 22.54 20.55 -0.32
C VAL A 238 21.99 20.36 1.09
N ILE A 239 22.27 19.19 1.68
CA ILE A 239 21.79 18.88 3.03
C ILE A 239 22.57 19.69 4.04
N CYS A 240 21.85 20.36 4.94
CA CYS A 240 22.44 21.17 6.00
C CYS A 240 21.62 20.88 7.26
N VAL A 241 22.10 19.96 8.08
CA VAL A 241 21.42 19.62 9.33
C VAL A 241 22.47 19.31 10.38
N THR A 242 22.17 19.70 11.62
CA THR A 242 23.04 19.29 12.69
C THR A 242 22.50 18.03 13.35
N PRO A 243 23.37 17.15 13.84
CA PRO A 243 22.87 15.94 14.51
C PRO A 243 21.91 16.23 15.67
N LYS A 244 21.96 17.43 16.26
CA LYS A 244 21.02 17.75 17.33
C LYS A 244 19.62 17.99 16.76
N LEU A 245 19.53 18.77 15.68
CA LEU A 245 18.24 19.09 15.09
C LEU A 245 17.55 17.86 14.52
N VAL A 246 18.31 16.85 14.16
CA VAL A 246 17.74 15.67 13.66
C VAL A 246 17.01 14.98 14.77
N GLU A 247 17.67 14.89 15.89
CA GLU A 247 17.13 14.24 17.03
C GLU A 247 15.95 14.97 17.61
N GLU A 248 15.92 16.29 17.53
CA GLU A 248 14.77 16.99 18.02
C GLU A 248 13.58 16.58 17.19
N HIS A 249 13.71 16.57 15.87
CA HIS A 249 12.62 16.12 15.02
C HIS A 249 12.24 14.68 15.32
N LEU A 250 13.22 13.85 15.68
CA LEU A 250 12.96 12.41 15.73
C LEU A 250 12.14 12.02 16.95
N LYS A 251 12.49 12.56 18.12
CA LYS A 251 11.77 12.26 19.35
C LYS A 251 10.50 13.11 19.50
N SER A 252 10.08 13.82 18.46
CA SER A 252 8.84 14.56 18.54
C SER A 252 7.65 13.59 18.39
N ALA A 253 6.45 14.13 18.58
CA ALA A 253 5.29 13.31 18.93
C ALA A 253 4.97 12.26 17.88
N GLN A 254 5.02 12.63 16.61
CA GLN A 254 4.43 11.79 15.57
C GLN A 254 5.26 10.55 15.25
N TYR A 255 6.54 10.50 15.63
CA TYR A 255 7.38 9.33 15.40
C TYR A 255 7.42 8.41 16.62
N LYS A 256 6.31 8.30 17.35
CA LYS A 256 6.28 7.56 18.61
C LYS A 256 5.54 6.23 18.53
N LYS A 257 4.67 6.03 17.56
CA LYS A 257 3.95 4.76 17.45
C LYS A 257 4.90 3.68 16.94
N PRO A 258 4.98 2.53 17.62
CA PRO A 258 5.93 1.49 17.18
C PRO A 258 5.47 0.84 15.89
N PRO A 259 6.26 0.94 14.83
CA PRO A 259 5.83 0.41 13.53
C PRO A 259 5.71 -1.10 13.54
N ILE A 260 4.92 -1.60 12.57
CA ILE A 260 5.16 -2.92 12.00
C ILE A 260 6.32 -2.75 11.04
N THR A 261 7.44 -3.41 11.34
CA THR A 261 8.61 -3.25 10.49
C THR A 261 8.63 -4.31 9.40
N VAL A 262 9.25 -3.96 8.28
CA VAL A 262 9.56 -4.91 7.23
C VAL A 262 10.91 -5.52 7.54
N ASP A 263 10.92 -6.80 7.88
CA ASP A 263 12.15 -7.56 8.10
C ASP A 263 12.59 -8.12 6.75
N SER A 264 13.66 -7.56 6.19
CA SER A 264 14.15 -8.03 4.90
C SER A 264 14.51 -9.50 4.94
N VAL A 265 14.83 -10.03 6.12
CA VAL A 265 15.11 -11.46 6.27
C VAL A 265 13.91 -12.29 5.87
N CYS A 266 12.70 -11.85 6.21
CA CYS A 266 11.47 -12.59 5.95
C CYS A 266 10.90 -12.34 4.56
N LEU A 267 11.59 -11.56 3.73
CA LEU A 267 11.11 -11.25 2.39
C LEU A 267 11.76 -12.22 1.41
N LYS A 268 10.97 -13.17 0.90
CA LYS A 268 11.43 -14.11 -0.12
C LYS A 268 11.00 -13.60 -1.49
N TRP A 269 11.89 -12.86 -2.13
CA TRP A 269 11.56 -12.24 -3.40
C TRP A 269 12.84 -11.99 -4.20
N ALA A 270 12.79 -12.33 -5.49
CA ALA A 270 13.87 -12.08 -6.41
C ALA A 270 13.38 -11.16 -7.53
N PRO A 271 14.21 -10.23 -7.98
CA PRO A 271 13.76 -9.25 -8.99
C PRO A 271 13.52 -9.90 -10.34
N PRO A 272 12.46 -9.47 -11.05
CA PRO A 272 12.14 -9.91 -12.42
C PRO A 272 13.23 -9.55 -13.42
#